data_7QIP
#
_entry.id   7QIP
#
_cell.length_a   99.688
_cell.length_b   99.688
_cell.length_c   58.575
_cell.angle_alpha   90
_cell.angle_beta   90
_cell.angle_gamma   90
#
_symmetry.space_group_name_H-M   'P 41'
#
loop_
_entity.id
_entity.type
_entity.pdbx_description
1 polymer '14-3-3 protein sigma'
2 polymer ARG-GLY-TPO-SER-PRO-ALA-ARG-MET
3 non-polymer 'CHLORIDE ION'
4 water water
#
loop_
_entity_poly.entity_id
_entity_poly.type
_entity_poly.pdbx_seq_one_letter_code
_entity_poly.pdbx_strand_id
1 'polypeptide(L)'
;GPHMERASLIQKAKLAEQAERYEDMAAFMKGAVEKGEELSCEERNLLSVAYKNVVGGQRAAWRVLSSIEQKSNEEGSEEK
GPEVREYREKVETELQGVCDTVLGLLDSHLIKEAGDAESRVFYLKMKGDYYRYLAEVATGDDKKRIIDSARSAYQEAMDI
SAAAMPPTNPIRLGLALNFSVFHYEIANSPEEAISLAKTTFDEAMADLHTLSEDSYKDSTLIMQLLRDNLTLWT
;
A,B
2 'polypeptide(L)' SSRG(TPO)SPARM C,D
#
loop_
_chem_comp.id
_chem_comp.type
_chem_comp.name
_chem_comp.formula
CL non-polymer 'CHLORIDE ION' 'Cl -1'
#
# COMPACT_ATOMS: atom_id res chain seq x y z
N MET A 4 3.44 -17.33 26.21
CA MET A 4 3.30 -18.01 24.91
C MET A 4 2.56 -17.15 23.82
N GLU A 5 2.63 -15.82 23.94
CA GLU A 5 1.99 -14.94 22.98
C GLU A 5 3.04 -13.99 22.38
N ARG A 6 3.98 -13.45 23.18
CA ARG A 6 5.02 -12.54 22.67
C ARG A 6 5.79 -13.15 21.47
N ALA A 7 6.21 -14.43 21.55
CA ALA A 7 6.94 -15.05 20.47
C ALA A 7 6.12 -15.11 19.20
N SER A 8 4.79 -15.39 19.34
CA SER A 8 3.85 -15.46 18.23
C SER A 8 3.67 -14.09 17.59
N LEU A 9 3.60 -13.04 18.42
CA LEU A 9 3.43 -11.67 17.94
C LEU A 9 4.64 -11.24 17.14
N ILE A 10 5.84 -11.56 17.60
CA ILE A 10 7.04 -11.16 16.88
C ILE A 10 7.19 -11.99 15.59
N GLN A 11 6.82 -13.27 15.63
CA GLN A 11 6.88 -14.09 14.43
C GLN A 11 5.86 -13.56 13.38
N LYS A 12 4.65 -13.18 13.80
CA LYS A 12 3.67 -12.65 12.88
C LYS A 12 4.05 -11.27 12.39
N ALA A 13 4.76 -10.45 13.20
CA ALA A 13 5.23 -9.15 12.73
C ALA A 13 6.27 -9.36 11.61
N LYS A 14 7.13 -10.37 11.73
CA LYS A 14 8.10 -10.70 10.68
C LYS A 14 7.37 -11.16 9.41
N LEU A 15 6.32 -11.99 9.54
CA LEU A 15 5.51 -12.44 8.40
C LEU A 15 4.80 -11.27 7.74
N ALA A 16 4.18 -10.38 8.55
CA ALA A 16 3.48 -9.21 8.06
C ALA A 16 4.41 -8.30 7.26
N GLU A 17 5.69 -8.17 7.67
CA GLU A 17 6.65 -7.38 6.91
C GLU A 17 6.88 -8.03 5.54
N GLN A 18 7.09 -9.34 5.50
CA GLN A 18 7.32 -10.05 4.25
C GLN A 18 6.13 -9.92 3.32
N ALA A 19 4.91 -10.00 3.89
CA ALA A 19 3.68 -9.86 3.12
C ALA A 19 3.30 -8.39 2.83
N GLU A 20 4.13 -7.42 3.28
CA GLU A 20 3.94 -5.98 3.14
C GLU A 20 2.60 -5.53 3.67
N ARG A 21 2.21 -6.09 4.82
CA ARG A 21 0.98 -5.76 5.53
C ARG A 21 1.41 -4.99 6.77
N TYR A 22 1.85 -3.75 6.58
CA TYR A 22 2.44 -2.94 7.63
C TYR A 22 1.45 -2.47 8.71
N GLU A 23 0.15 -2.36 8.42
CA GLU A 23 -0.84 -2.03 9.47
C GLU A 23 -0.92 -3.21 10.43
N ASP A 24 -0.97 -4.44 9.90
CA ASP A 24 -0.96 -5.65 10.71
C ASP A 24 0.34 -5.73 11.53
N MET A 25 1.50 -5.51 10.86
CA MET A 25 2.82 -5.54 11.50
C MET A 25 2.87 -4.60 12.69
N ALA A 26 2.35 -3.37 12.53
CA ALA A 26 2.33 -2.38 13.59
C ALA A 26 1.47 -2.84 14.75
N ALA A 27 0.31 -3.45 14.48
CA ALA A 27 -0.56 -3.99 15.51
C ALA A 27 0.12 -5.12 16.30
N PHE A 28 0.84 -6.02 15.60
CA PHE A 28 1.56 -7.11 16.27
C PHE A 28 2.68 -6.55 17.14
N MET A 29 3.42 -5.55 16.64
CA MET A 29 4.52 -4.97 17.41
C MET A 29 4.02 -4.15 18.59
N LYS A 30 2.89 -3.47 18.45
CA LYS A 30 2.28 -2.75 19.56
C LYS A 30 1.89 -3.76 20.64
N GLY A 31 1.33 -4.90 20.24
CA GLY A 31 1.00 -5.96 21.17
C GLY A 31 2.22 -6.52 21.88
N ALA A 32 3.32 -6.71 21.14
CA ALA A 32 4.57 -7.24 21.70
C ALA A 32 5.15 -6.26 22.71
N VAL A 33 5.14 -4.94 22.39
CA VAL A 33 5.64 -3.90 23.31
C VAL A 33 4.83 -3.94 24.60
N GLU A 34 3.50 -4.00 24.46
CA GLU A 34 2.59 -4.04 25.61
C GLU A 34 2.76 -5.27 26.51
N LYS A 35 3.60 -6.25 26.12
CA LYS A 35 3.92 -7.37 27.00
C LYS A 35 4.80 -6.90 28.19
N GLY A 36 5.42 -5.72 28.10
CA GLY A 36 6.24 -5.17 29.17
C GLY A 36 7.71 -5.50 29.10
N GLU A 37 8.11 -6.51 28.28
CA GLU A 37 9.51 -6.91 28.16
C GLU A 37 10.25 -5.98 27.16
N GLU A 38 11.56 -5.78 27.38
CA GLU A 38 12.37 -4.92 26.53
C GLU A 38 12.49 -5.52 25.13
N LEU A 39 12.76 -4.67 24.13
CA LEU A 39 12.91 -5.15 22.75
C LEU A 39 14.37 -5.33 22.38
N SER A 40 14.66 -6.38 21.64
CA SER A 40 16.00 -6.63 21.11
C SER A 40 16.27 -5.65 19.98
N CYS A 41 17.52 -5.61 19.49
CA CYS A 41 17.87 -4.73 18.37
C CYS A 41 17.00 -5.09 17.12
N GLU A 42 16.84 -6.39 16.84
CA GLU A 42 16.00 -6.89 15.74
C GLU A 42 14.54 -6.41 15.93
N GLU A 43 14.00 -6.56 17.14
CA GLU A 43 12.63 -6.20 17.48
C GLU A 43 12.38 -4.72 17.43
N ARG A 44 13.39 -3.89 17.79
CA ARG A 44 13.26 -2.43 17.70
C ARG A 44 13.07 -2.03 16.24
N ASN A 45 13.82 -2.68 15.32
CA ASN A 45 13.69 -2.39 13.90
C ASN A 45 12.35 -2.85 13.36
N LEU A 46 11.79 -3.99 13.84
CA LEU A 46 10.44 -4.41 13.39
C LEU A 46 9.42 -3.33 13.81
N LEU A 47 9.53 -2.79 15.03
CA LEU A 47 8.64 -1.73 15.49
C LEU A 47 8.77 -0.47 14.63
N SER A 48 10.00 -0.04 14.36
CA SER A 48 10.23 1.16 13.57
C SER A 48 9.81 0.96 12.12
N VAL A 49 10.13 -0.18 11.49
CA VAL A 49 9.74 -0.47 10.11
C VAL A 49 8.21 -0.46 9.98
N ALA A 50 7.51 -1.07 10.93
CA ALA A 50 6.06 -1.16 10.89
C ALA A 50 5.41 0.23 10.89
N TYR A 51 5.74 1.09 11.85
CA TYR A 51 5.13 2.39 11.97
C TYR A 51 5.65 3.38 10.94
N LYS A 52 6.92 3.29 10.56
CA LYS A 52 7.46 4.19 9.54
C LYS A 52 6.75 3.97 8.22
N ASN A 53 6.38 2.72 7.89
CA ASN A 53 5.66 2.44 6.67
C ASN A 53 4.21 2.90 6.77
N VAL A 54 3.56 2.68 7.92
CA VAL A 54 2.18 3.13 8.11
C VAL A 54 2.07 4.65 7.97
N VAL A 55 2.88 5.37 8.76
CA VAL A 55 2.87 6.83 8.76
C VAL A 55 3.43 7.39 7.45
N GLY A 56 4.36 6.70 6.81
CA GLY A 56 4.91 7.12 5.53
C GLY A 56 3.85 7.21 4.46
N GLY A 57 2.94 6.26 4.42
CA GLY A 57 1.83 6.26 3.48
C GLY A 57 0.85 7.39 3.75
N GLN A 58 0.66 7.74 5.02
CA GLN A 58 -0.21 8.82 5.40
C GLN A 58 0.43 10.15 5.09
N ARG A 59 1.75 10.30 5.31
CA ARG A 59 2.49 11.51 4.98
C ARG A 59 2.44 11.75 3.49
N ALA A 60 2.69 10.70 2.69
CA ALA A 60 2.65 10.80 1.24
C ALA A 60 1.26 11.21 0.75
N ALA A 61 0.19 10.62 1.31
CA ALA A 61 -1.16 10.94 0.91
C ALA A 61 -1.49 12.38 1.24
N TRP A 62 -1.05 12.83 2.44
CA TRP A 62 -1.25 14.19 2.91
C TRP A 62 -0.58 15.20 1.96
N ARG A 63 0.65 14.92 1.52
CA ARG A 63 1.34 15.81 0.59
C ARG A 63 0.62 15.90 -0.74
N VAL A 64 0.07 14.79 -1.24
CA VAL A 64 -0.69 14.77 -2.49
C VAL A 64 -1.92 15.68 -2.35
N LEU A 65 -2.71 15.50 -1.29
CA LEU A 65 -3.93 16.29 -1.10
C LEU A 65 -3.61 17.77 -0.86
N SER A 66 -2.54 18.09 -0.12
CA SER A 66 -2.15 19.49 0.10
C SER A 66 -1.69 20.13 -1.22
N SER A 67 -0.97 19.38 -2.04
CA SER A 67 -0.53 19.86 -3.34
C SER A 67 -1.72 20.14 -4.27
N ILE A 68 -2.79 19.33 -4.19
CA ILE A 68 -4.01 19.54 -4.98
C ILE A 68 -4.68 20.84 -4.48
N GLU A 69 -4.62 21.13 -3.15
CA GLU A 69 -5.14 22.38 -2.61
C GLU A 69 -4.35 23.60 -3.13
N GLN A 70 -3.05 23.43 -3.46
CA GLN A 70 -2.24 24.47 -4.11
C GLN A 70 -2.64 24.69 -5.59
N LYS A 71 -3.69 24.01 -6.10
CA LYS A 71 -4.22 24.25 -7.45
C LYS A 71 -5.56 24.98 -7.19
N SER A 72 -6.50 24.41 -6.35
CA SER A 72 -7.82 25.00 -5.96
C SER A 72 -8.58 25.71 -7.16
N ASN A 73 -8.37 27.02 -7.37
CA ASN A 73 -8.97 27.75 -8.48
C ASN A 73 -7.80 28.18 -9.36
N GLU A 74 -7.12 27.17 -9.95
CA GLU A 74 -5.92 27.32 -10.77
C GLU A 74 -4.73 27.76 -9.92
N LYS A 80 -10.37 22.19 -6.40
CA LYS A 80 -11.59 22.99 -6.25
C LYS A 80 -12.63 22.25 -5.34
N GLY A 81 -13.59 23.02 -4.80
CA GLY A 81 -14.61 22.47 -3.90
C GLY A 81 -14.06 22.21 -2.51
N PRO A 82 -14.94 22.08 -1.50
CA PRO A 82 -14.44 21.82 -0.12
C PRO A 82 -13.99 20.40 0.17
N GLU A 83 -14.23 19.46 -0.76
CA GLU A 83 -13.92 18.05 -0.58
C GLU A 83 -12.43 17.74 -0.38
N VAL A 84 -11.52 18.50 -1.05
CA VAL A 84 -10.09 18.24 -0.92
C VAL A 84 -9.65 18.57 0.51
N ARG A 85 -10.14 19.68 1.06
CA ARG A 85 -9.79 20.08 2.41
C ARG A 85 -10.35 19.08 3.40
N GLU A 86 -11.62 18.69 3.24
CA GLU A 86 -12.27 17.71 4.12
C GLU A 86 -11.52 16.37 4.13
N TYR A 87 -11.15 15.86 2.95
CA TYR A 87 -10.46 14.60 2.84
C TYR A 87 -9.03 14.72 3.34
N ARG A 88 -8.35 15.85 3.11
CA ARG A 88 -7.00 16.06 3.65
C ARG A 88 -7.08 16.09 5.19
N GLU A 89 -8.12 16.71 5.77
CA GLU A 89 -8.27 16.79 7.22
C GLU A 89 -8.54 15.37 7.80
N LYS A 90 -9.20 14.47 7.05
CA LYS A 90 -9.42 13.10 7.51
C LYS A 90 -8.11 12.35 7.56
N VAL A 91 -7.30 12.45 6.50
CA VAL A 91 -5.99 11.81 6.42
C VAL A 91 -5.08 12.36 7.52
N GLU A 92 -5.12 13.67 7.71
CA GLU A 92 -4.34 14.38 8.73
C GLU A 92 -4.67 13.85 10.12
N THR A 93 -5.96 13.66 10.42
CA THR A 93 -6.40 13.17 11.72
C THR A 93 -5.96 11.74 11.97
N GLU A 94 -5.97 10.89 10.93
CA GLU A 94 -5.51 9.50 11.07
C GLU A 94 -4.04 9.45 11.31
N LEU A 95 -3.26 10.30 10.60
CA LEU A 95 -1.80 10.40 10.75
C LEU A 95 -1.48 10.80 12.18
N GLN A 96 -2.19 11.80 12.71
CA GLN A 96 -1.99 12.24 14.08
C GLN A 96 -2.28 11.13 15.08
N GLY A 97 -3.29 10.32 14.82
CA GLY A 97 -3.62 9.21 15.71
C GLY A 97 -2.54 8.17 15.78
N VAL A 98 -1.92 7.83 14.62
CA VAL A 98 -0.82 6.87 14.58
C VAL A 98 0.40 7.45 15.33
N CYS A 99 0.72 8.74 15.12
CA CYS A 99 1.86 9.37 15.82
C CYS A 99 1.63 9.37 17.32
N ASP A 100 0.40 9.68 17.77
CA ASP A 100 0.05 9.67 19.18
C ASP A 100 0.20 8.25 19.75
N THR A 101 -0.17 7.22 18.98
CA THR A 101 -0.02 5.83 19.42
C THR A 101 1.46 5.48 19.63
N VAL A 102 2.33 5.85 18.67
CA VAL A 102 3.76 5.58 18.76
C VAL A 102 4.36 6.31 19.96
N LEU A 103 4.06 7.60 20.10
CA LEU A 103 4.58 8.38 21.21
C LEU A 103 4.09 7.85 22.55
N GLY A 104 2.88 7.32 22.58
CA GLY A 104 2.33 6.72 23.79
C GLY A 104 3.09 5.47 24.16
N LEU A 105 3.44 4.64 23.16
CA LEU A 105 4.22 3.43 23.41
C LEU A 105 5.60 3.80 23.95
N LEU A 106 6.21 4.82 23.36
CA LEU A 106 7.54 5.25 23.76
C LEU A 106 7.54 5.73 25.21
N ASP A 107 6.55 6.53 25.60
CA ASP A 107 6.52 7.07 26.95
C ASP A 107 6.02 6.08 28.00
N SER A 108 4.98 5.30 27.68
CA SER A 108 4.43 4.36 28.65
C SER A 108 5.26 3.10 28.85
N HIS A 109 6.13 2.77 27.88
CA HIS A 109 6.95 1.59 27.99
C HIS A 109 8.44 1.76 27.63
N LEU A 110 8.73 1.96 26.36
CA LEU A 110 10.04 1.77 25.79
C LEU A 110 11.17 2.68 26.28
N ILE A 111 10.94 3.97 26.49
CA ILE A 111 12.02 4.87 26.92
C ILE A 111 12.39 4.56 28.37
N LYS A 112 11.39 4.37 29.22
CA LYS A 112 11.61 4.07 30.64
C LYS A 112 12.33 2.73 30.85
N GLU A 113 11.90 1.69 30.10
CA GLU A 113 12.40 0.32 30.18
C GLU A 113 13.60 0.04 29.29
N ALA A 114 14.16 1.04 28.57
CA ALA A 114 15.35 0.82 27.73
C ALA A 114 16.56 0.54 28.67
N GLY A 115 17.26 -0.58 28.42
CA GLY A 115 18.38 -1.04 29.25
C GLY A 115 19.77 -0.56 28.89
N ASP A 116 19.98 -0.08 27.66
CA ASP A 116 21.30 0.40 27.24
C ASP A 116 21.22 1.76 26.52
N ALA A 117 22.38 2.37 26.22
CA ALA A 117 22.41 3.66 25.57
C ALA A 117 21.92 3.59 24.12
N GLU A 118 22.35 2.58 23.33
CA GLU A 118 21.95 2.51 21.94
C GLU A 118 20.44 2.39 21.81
N SER A 119 19.78 1.57 22.67
CA SER A 119 18.33 1.45 22.62
C SER A 119 17.68 2.76 23.04
N ARG A 120 18.18 3.39 24.12
CA ARG A 120 17.64 4.66 24.62
C ARG A 120 17.73 5.74 23.53
N VAL A 121 18.85 5.81 22.82
CA VAL A 121 19.04 6.75 21.73
C VAL A 121 18.06 6.45 20.61
N PHE A 122 17.87 5.17 20.29
CA PHE A 122 16.96 4.73 19.23
C PHE A 122 15.54 5.23 19.49
N TYR A 123 15.08 5.08 20.73
CA TYR A 123 13.71 5.45 21.09
C TYR A 123 13.54 6.94 21.20
N LEU A 124 14.54 7.66 21.69
CA LEU A 124 14.45 9.12 21.77
C LEU A 124 14.49 9.73 20.39
N LYS A 125 15.24 9.14 19.46
CA LYS A 125 15.25 9.55 18.05
C LYS A 125 13.83 9.31 17.50
N MET A 126 13.20 8.14 17.79
CA MET A 126 11.82 7.86 17.36
C MET A 126 10.88 8.94 17.91
N LYS A 127 11.02 9.31 19.19
CA LYS A 127 10.19 10.35 19.79
C LYS A 127 10.34 11.70 19.03
N GLY A 128 11.58 12.09 18.73
CA GLY A 128 11.82 13.29 17.94
C GLY A 128 11.21 13.22 16.56
N ASP A 129 11.34 12.04 15.91
CA ASP A 129 10.80 11.79 14.58
C ASP A 129 9.28 11.91 14.55
N TYR A 130 8.54 11.26 15.47
CA TYR A 130 7.06 11.30 15.41
C TYR A 130 6.51 12.65 15.85
N TYR A 131 7.22 13.41 16.70
CA TYR A 131 6.81 14.79 16.97
C TYR A 131 7.09 15.62 15.70
N ARG A 132 8.18 15.34 14.96
CA ARG A 132 8.47 16.03 13.71
C ARG A 132 7.38 15.76 12.66
N TYR A 133 6.86 14.51 12.60
CA TYR A 133 5.79 14.20 11.66
C TYR A 133 4.53 14.94 12.05
N LEU A 134 4.27 15.12 13.36
CA LEU A 134 3.13 15.91 13.80
C LEU A 134 3.35 17.36 13.41
N ALA A 135 4.60 17.88 13.52
CA ALA A 135 4.93 19.27 13.17
C ALA A 135 4.71 19.51 11.67
N GLU A 136 4.95 18.52 10.81
CA GLU A 136 4.74 18.68 9.37
C GLU A 136 3.32 19.09 9.03
N VAL A 137 2.33 18.63 9.82
CA VAL A 137 0.93 18.96 9.56
C VAL A 137 0.37 20.03 10.51
N ALA A 138 1.05 20.34 11.63
CA ALA A 138 0.57 21.31 12.64
C ALA A 138 0.68 22.77 12.21
N THR A 139 -0.17 23.64 12.82
CA THR A 139 -0.20 25.07 12.56
C THR A 139 -0.36 25.82 13.87
N GLY A 140 0.16 27.05 13.91
CA GLY A 140 -0.02 27.94 15.03
C GLY A 140 0.66 27.59 16.33
N ASP A 141 0.05 28.00 17.48
CA ASP A 141 0.61 27.77 18.83
C ASP A 141 0.82 26.31 19.14
N ASP A 142 0.01 25.41 18.56
CA ASP A 142 0.18 23.98 18.75
C ASP A 142 1.49 23.55 18.08
N LYS A 143 1.77 24.05 16.86
CA LYS A 143 3.02 23.75 16.14
C LYS A 143 4.23 24.15 16.97
N LYS A 144 4.20 25.31 17.63
CA LYS A 144 5.32 25.75 18.47
C LYS A 144 5.62 24.75 19.60
N ARG A 145 4.56 24.23 20.26
CA ARG A 145 4.69 23.25 21.35
C ARG A 145 5.27 21.93 20.82
N ILE A 146 4.77 21.49 19.66
CA ILE A 146 5.19 20.24 19.04
C ILE A 146 6.66 20.33 18.64
N ILE A 147 7.08 21.47 18.08
CA ILE A 147 8.48 21.67 17.69
C ILE A 147 9.40 21.62 18.91
N ASP A 148 8.98 22.22 20.03
CA ASP A 148 9.77 22.17 21.26
C ASP A 148 9.94 20.71 21.75
N SER A 149 8.86 19.91 21.69
CA SER A 149 8.91 18.52 22.11
C SER A 149 9.85 17.70 21.22
N ALA A 150 9.81 17.94 19.89
CA ALA A 150 10.71 17.26 18.97
C ALA A 150 12.17 17.62 19.28
N ARG A 151 12.49 18.93 19.46
CA ARG A 151 13.86 19.33 19.74
C ARG A 151 14.35 18.72 21.07
N SER A 152 13.47 18.67 22.11
CA SER A 152 13.84 18.10 23.42
C SER A 152 14.26 16.66 23.30
N ALA A 153 13.48 15.86 22.55
CA ALA A 153 13.75 14.45 22.39
C ALA A 153 15.04 14.24 21.60
N TYR A 154 15.22 14.94 20.47
CA TYR A 154 16.43 14.83 19.68
C TYR A 154 17.65 15.29 20.48
N GLN A 155 17.53 16.37 21.25
CA GLN A 155 18.67 16.87 22.01
C GLN A 155 19.08 15.87 23.09
N GLU A 156 18.11 15.23 23.76
CA GLU A 156 18.44 14.24 24.78
C GLU A 156 19.15 13.06 24.15
N ALA A 157 18.67 12.61 22.97
CA ALA A 157 19.28 11.51 22.24
C ALA A 157 20.71 11.89 21.82
N MET A 158 20.92 13.16 21.40
CA MET A 158 22.23 13.64 20.97
C MET A 158 23.21 13.58 22.12
N ASP A 159 22.78 14.05 23.31
CA ASP A 159 23.63 14.08 24.51
C ASP A 159 24.06 12.67 24.88
N ILE A 160 23.12 11.70 24.86
CA ILE A 160 23.45 10.32 25.20
C ILE A 160 24.36 9.69 24.16
N SER A 161 24.04 9.85 22.88
CA SER A 161 24.83 9.28 21.79
C SER A 161 26.27 9.81 21.78
N ALA A 162 26.48 11.09 22.08
CA ALA A 162 27.82 11.67 22.07
C ALA A 162 28.69 11.08 23.16
N ALA A 163 28.10 10.77 24.32
CA ALA A 163 28.86 10.22 25.43
C ALA A 163 28.95 8.70 25.39
N ALA A 164 28.04 7.99 24.70
CA ALA A 164 28.01 6.54 24.76
C ALA A 164 28.29 5.78 23.48
N MET A 165 28.21 6.39 22.30
CA MET A 165 28.38 5.65 21.05
C MET A 165 29.48 6.26 20.17
N PRO A 166 30.15 5.45 19.31
CA PRO A 166 31.15 6.02 18.41
C PRO A 166 30.52 6.89 17.33
N PRO A 167 31.28 7.83 16.75
CA PRO A 167 30.71 8.72 15.72
C PRO A 167 30.20 8.03 14.45
N THR A 168 30.64 6.77 14.22
CA THR A 168 30.26 5.91 13.10
C THR A 168 29.07 4.99 13.42
N ASN A 169 28.52 5.02 14.66
CA ASN A 169 27.38 4.17 14.99
C ASN A 169 26.18 4.51 14.08
N PRO A 170 25.62 3.56 13.30
CA PRO A 170 24.49 3.89 12.42
C PRO A 170 23.31 4.60 13.08
N ILE A 171 22.97 4.24 14.32
CA ILE A 171 21.88 4.86 15.03
C ILE A 171 22.24 6.31 15.41
N ARG A 172 23.49 6.55 15.83
CA ARG A 172 23.95 7.91 16.12
C ARG A 172 23.92 8.75 14.82
N LEU A 173 24.36 8.16 13.70
CA LEU A 173 24.36 8.84 12.41
C LEU A 173 22.95 9.20 11.98
N GLY A 174 22.01 8.24 12.05
CA GLY A 174 20.63 8.46 11.62
C GLY A 174 19.95 9.52 12.43
N LEU A 175 20.26 9.57 13.74
CA LEU A 175 19.77 10.60 14.67
C LEU A 175 20.23 11.96 14.20
N ALA A 176 21.54 12.15 14.02
CA ALA A 176 22.11 13.42 13.58
C ALA A 176 21.54 13.84 12.23
N LEU A 177 21.38 12.88 11.30
CA LEU A 177 20.78 13.14 9.98
C LEU A 177 19.38 13.74 10.15
N ASN A 178 18.53 13.07 10.93
CA ASN A 178 17.17 13.50 11.16
C ASN A 178 17.07 14.81 11.95
N PHE A 179 17.95 15.02 12.93
CA PHE A 179 17.93 16.26 13.69
C PHE A 179 18.37 17.42 12.78
N SER A 180 19.34 17.21 11.85
CA SER A 180 19.72 18.26 10.90
C SER A 180 18.53 18.58 9.98
N VAL A 181 17.76 17.56 9.54
CA VAL A 181 16.57 17.78 8.71
C VAL A 181 15.52 18.55 9.51
N PHE A 182 15.38 18.24 10.82
CA PHE A 182 14.49 18.97 11.72
C PHE A 182 14.90 20.45 11.74
N HIS A 183 16.19 20.74 11.90
CA HIS A 183 16.66 22.12 11.92
C HIS A 183 16.35 22.85 10.61
N TYR A 184 16.65 22.24 9.45
CA TYR A 184 16.43 22.89 8.16
C TYR A 184 14.96 23.12 7.83
N GLU A 185 14.15 22.05 7.88
CA GLU A 185 12.77 22.05 7.43
C GLU A 185 11.70 22.41 8.45
N ILE A 186 11.93 22.14 9.73
CA ILE A 186 10.93 22.37 10.75
C ILE A 186 11.19 23.63 11.58
N ALA A 187 12.42 23.74 12.15
CA ALA A 187 12.79 24.82 13.06
C ALA A 187 13.29 26.09 12.40
N ASN A 188 13.45 26.11 11.07
CA ASN A 188 13.95 27.27 10.34
C ASN A 188 15.34 27.71 10.87
N SER A 189 16.25 26.72 10.97
CA SER A 189 17.62 26.91 11.43
C SER A 189 18.56 26.24 10.41
N PRO A 190 18.59 26.76 9.16
CA PRO A 190 19.43 26.13 8.14
C PRO A 190 20.91 26.09 8.46
N GLU A 191 21.43 27.16 9.07
CA GLU A 191 22.83 27.23 9.49
C GLU A 191 23.19 26.10 10.47
N GLU A 192 22.33 25.86 11.46
CA GLU A 192 22.54 24.80 12.42
C GLU A 192 22.42 23.44 11.70
N ALA A 193 21.48 23.30 10.74
CA ALA A 193 21.32 22.06 9.97
C ALA A 193 22.58 21.74 9.17
N ILE A 194 23.17 22.73 8.46
CA ILE A 194 24.37 22.52 7.66
C ILE A 194 25.55 22.18 8.58
N SER A 195 25.72 22.94 9.68
CA SER A 195 26.78 22.72 10.65
C SER A 195 26.74 21.30 11.19
N LEU A 196 25.55 20.85 11.60
CA LEU A 196 25.40 19.52 12.14
C LEU A 196 25.67 18.43 11.10
N ALA A 197 25.08 18.54 9.90
CA ALA A 197 25.26 17.52 8.86
C ALA A 197 26.68 17.44 8.38
N LYS A 198 27.36 18.58 8.24
CA LYS A 198 28.73 18.62 7.75
C LYS A 198 29.62 17.98 8.84
N THR A 199 29.44 18.38 10.14
CA THR A 199 30.19 17.82 11.29
C THR A 199 29.98 16.30 11.33
N THR A 200 28.73 15.85 11.18
CA THR A 200 28.36 14.44 11.22
C THR A 200 29.03 13.70 10.08
N PHE A 201 28.91 14.22 8.86
CA PHE A 201 29.46 13.58 7.69
C PHE A 201 30.97 13.45 7.78
N ASP A 202 31.63 14.52 8.22
CA ASP A 202 33.08 14.51 8.30
C ASP A 202 33.61 13.58 9.40
N GLU A 203 33.05 13.67 10.63
CA GLU A 203 33.53 12.85 11.75
C GLU A 203 33.31 11.35 11.49
N ALA A 204 32.19 11.00 10.85
CA ALA A 204 31.92 9.62 10.52
C ALA A 204 32.76 9.17 9.34
N MET A 205 32.93 10.03 8.33
CA MET A 205 33.70 9.69 7.14
C MET A 205 35.15 9.37 7.48
N ALA A 206 35.76 10.16 8.37
CA ALA A 206 37.14 9.96 8.78
C ALA A 206 37.39 8.60 9.42
N ASP A 207 36.36 8.03 10.06
CA ASP A 207 36.47 6.76 10.75
C ASP A 207 35.85 5.58 9.99
N LEU A 208 34.89 5.82 9.08
CA LEU A 208 34.21 4.73 8.38
C LEU A 208 35.18 3.80 7.65
N HIS A 209 36.08 4.38 6.86
CA HIS A 209 37.04 3.59 6.10
C HIS A 209 38.18 3.04 6.93
N THR A 210 38.33 3.45 8.21
CA THR A 210 39.36 2.97 9.12
C THR A 210 38.88 1.88 10.07
N LEU A 211 37.62 1.43 9.99
CA LEU A 211 37.10 0.39 10.88
C LEU A 211 37.38 -1.04 10.35
N SER A 212 37.06 -2.11 11.12
CA SER A 212 37.24 -3.50 10.67
C SER A 212 35.90 -4.32 10.70
N GLU A 213 35.25 -4.45 9.52
CA GLU A 213 33.98 -5.16 9.28
C GLU A 213 32.85 -4.80 10.30
N ASP A 214 32.70 -3.49 10.63
CA ASP A 214 31.64 -3.01 11.53
C ASP A 214 30.33 -2.77 10.72
N SER A 215 29.28 -2.16 11.31
CA SER A 215 28.00 -1.97 10.61
C SER A 215 28.07 -0.95 9.46
N TYR A 216 28.23 -1.45 8.20
CA TYR A 216 28.39 -0.63 6.99
C TYR A 216 27.15 -0.50 6.13
N LYS A 217 26.24 -1.49 6.14
CA LYS A 217 24.99 -1.38 5.39
C LYS A 217 24.17 -0.20 5.94
N ASP A 218 24.17 -0.03 7.29
CA ASP A 218 23.47 1.07 7.94
C ASP A 218 24.13 2.40 7.59
N SER A 219 25.46 2.51 7.78
CA SER A 219 26.21 3.74 7.53
C SER A 219 26.16 4.25 6.09
N THR A 220 26.38 3.38 5.10
CA THR A 220 26.44 3.80 3.70
C THR A 220 25.19 4.53 3.22
N LEU A 221 24.00 4.02 3.55
CA LEU A 221 22.77 4.63 3.08
C LEU A 221 22.52 5.97 3.76
N ILE A 222 22.85 6.07 5.04
CA ILE A 222 22.64 7.31 5.78
C ILE A 222 23.60 8.38 5.31
N MET A 223 24.87 8.03 5.07
CA MET A 223 25.82 9.04 4.63
C MET A 223 25.53 9.50 3.21
N GLN A 224 24.80 8.72 2.38
CA GLN A 224 24.39 9.20 1.05
C GLN A 224 23.41 10.34 1.23
N LEU A 225 22.43 10.16 2.13
CA LEU A 225 21.40 11.15 2.45
C LEU A 225 22.03 12.41 3.01
N LEU A 226 23.04 12.31 3.90
CA LEU A 226 23.74 13.51 4.40
C LEU A 226 24.39 14.27 3.24
N ARG A 227 25.14 13.56 2.37
CA ARG A 227 25.81 14.14 1.20
C ARG A 227 24.80 14.81 0.28
N ASP A 228 23.66 14.15 0.03
CA ASP A 228 22.62 14.72 -0.82
C ASP A 228 21.97 15.97 -0.21
N ASN A 229 21.64 15.97 1.09
CA ASN A 229 21.05 17.15 1.75
C ASN A 229 22.02 18.30 1.73
N LEU A 230 23.30 18.04 2.03
CA LEU A 230 24.31 19.10 2.02
C LEU A 230 24.45 19.70 0.62
N THR A 231 24.30 18.89 -0.42
CA THR A 231 24.36 19.36 -1.80
C THR A 231 23.20 20.35 -2.08
N LEU A 232 21.99 20.02 -1.62
CA LEU A 232 20.85 20.88 -1.85
C LEU A 232 20.90 22.13 -0.99
N TRP A 233 21.37 22.01 0.24
CA TRP A 233 21.38 23.14 1.16
C TRP A 233 22.50 24.14 0.97
N THR A 234 23.59 23.76 0.25
CA THR A 234 24.76 24.62 0.04
C THR A 234 25.05 24.86 -1.46
N PRO B 2 -27.49 15.32 5.99
CA PRO B 2 -27.31 14.23 6.96
C PRO B 2 -26.35 13.13 6.46
N HIS B 3 -26.42 12.86 5.13
CA HIS B 3 -25.62 11.90 4.33
C HIS B 3 -24.75 12.75 3.33
N MET B 4 -23.84 12.13 2.55
CA MET B 4 -22.97 12.88 1.64
C MET B 4 -23.50 12.83 0.21
N GLU B 5 -23.44 13.95 -0.54
CA GLU B 5 -23.91 13.95 -1.92
C GLU B 5 -23.14 13.00 -2.78
N ARG B 6 -23.81 12.43 -3.78
CA ARG B 6 -23.21 11.48 -4.72
C ARG B 6 -21.95 12.08 -5.40
N ALA B 7 -22.05 13.35 -5.80
CA ALA B 7 -20.97 14.04 -6.47
C ALA B 7 -19.74 14.17 -5.59
N SER B 8 -19.95 14.39 -4.28
CA SER B 8 -18.84 14.51 -3.33
C SER B 8 -18.15 13.17 -3.12
N LEU B 9 -18.91 12.07 -3.07
CA LEU B 9 -18.34 10.74 -2.94
C LEU B 9 -17.48 10.40 -4.16
N ILE B 10 -17.94 10.77 -5.34
CA ILE B 10 -17.21 10.55 -6.59
C ILE B 10 -15.95 11.40 -6.65
N GLN B 11 -16.04 12.64 -6.18
CA GLN B 11 -14.89 13.53 -6.15
C GLN B 11 -13.83 13.02 -5.15
N LYS B 12 -14.27 12.55 -3.97
CA LYS B 12 -13.34 12.01 -2.99
C LYS B 12 -12.76 10.67 -3.44
N ALA B 13 -13.50 9.85 -4.21
CA ALA B 13 -12.94 8.62 -4.75
C ALA B 13 -11.81 8.96 -5.74
N LYS B 14 -11.97 10.01 -6.54
CA LYS B 14 -10.92 10.46 -7.46
C LYS B 14 -9.70 10.95 -6.68
N LEU B 15 -9.90 11.71 -5.58
CA LEU B 15 -8.81 12.17 -4.73
C LEU B 15 -8.10 11.00 -4.06
N ALA B 16 -8.86 10.03 -3.53
CA ALA B 16 -8.31 8.85 -2.87
C ALA B 16 -7.45 8.06 -3.84
N GLU B 17 -7.81 7.97 -5.12
CA GLU B 17 -6.99 7.29 -6.12
C GLU B 17 -5.65 8.03 -6.29
N GLN B 18 -5.70 9.37 -6.40
CA GLN B 18 -4.49 10.15 -6.57
C GLN B 18 -3.57 10.01 -5.37
N ALA B 19 -4.16 9.98 -4.15
CA ALA B 19 -3.42 9.82 -2.91
C ALA B 19 -3.05 8.35 -2.62
N GLU B 20 -3.41 7.40 -3.52
CA GLU B 20 -3.20 5.97 -3.41
C GLU B 20 -3.74 5.40 -2.12
N ARG B 21 -4.92 5.86 -1.72
CA ARG B 21 -5.63 5.41 -0.52
C ARG B 21 -6.82 4.60 -1.03
N TYR B 22 -6.54 3.40 -1.53
CA TYR B 22 -7.52 2.57 -2.20
C TYR B 22 -8.59 1.99 -1.28
N GLU B 23 -8.33 1.80 0.03
CA GLU B 23 -9.36 1.36 0.97
C GLU B 23 -10.41 2.48 1.09
N ASP B 24 -9.96 3.73 1.23
CA ASP B 24 -10.85 4.88 1.28
C ASP B 24 -11.63 5.00 -0.03
N MET B 25 -10.94 4.88 -1.19
CA MET B 25 -11.55 4.95 -2.52
C MET B 25 -12.67 3.95 -2.66
N ALA B 26 -12.45 2.71 -2.20
CA ALA B 26 -13.45 1.65 -2.27
C ALA B 26 -14.65 2.00 -1.40
N ALA B 27 -14.43 2.55 -0.21
CA ALA B 27 -15.52 2.96 0.67
C ALA B 27 -16.36 4.10 0.04
N PHE B 28 -15.71 5.08 -0.62
CA PHE B 28 -16.42 6.17 -1.28
C PHE B 28 -17.23 5.62 -2.46
N MET B 29 -16.65 4.70 -3.24
CA MET B 29 -17.37 4.14 -4.38
C MET B 29 -18.50 3.23 -3.97
N LYS B 30 -18.35 2.49 -2.87
CA LYS B 30 -19.43 1.66 -2.33
C LYS B 30 -20.58 2.59 -1.92
N GLY B 31 -20.26 3.71 -1.28
CA GLY B 31 -21.25 4.70 -0.91
C GLY B 31 -21.97 5.29 -2.12
N ALA B 32 -21.22 5.60 -3.19
CA ALA B 32 -21.80 6.16 -4.41
C ALA B 32 -22.71 5.15 -5.08
N VAL B 33 -22.32 3.85 -5.12
CA VAL B 33 -23.16 2.79 -5.70
C VAL B 33 -24.46 2.71 -4.92
N GLU B 34 -24.37 2.70 -3.59
CA GLU B 34 -25.51 2.63 -2.71
C GLU B 34 -26.48 3.83 -2.81
N LYS B 35 -26.14 4.86 -3.60
CA LYS B 35 -27.09 5.95 -3.87
C LYS B 35 -28.23 5.47 -4.81
N GLY B 36 -28.05 4.34 -5.51
CA GLY B 36 -29.08 3.78 -6.37
C GLY B 36 -29.01 4.20 -7.82
N GLU B 37 -28.24 5.28 -8.13
CA GLU B 37 -28.11 5.76 -9.51
C GLU B 37 -27.07 4.93 -10.28
N GLU B 38 -27.24 4.81 -11.60
CA GLU B 38 -26.32 4.06 -12.45
C GLU B 38 -24.95 4.72 -12.47
N LEU B 39 -23.90 3.95 -12.78
CA LEU B 39 -22.56 4.52 -12.87
C LEU B 39 -22.17 4.82 -14.30
N SER B 40 -21.49 5.95 -14.51
CA SER B 40 -20.96 6.31 -15.82
C SER B 40 -19.76 5.41 -16.13
N CYS B 41 -19.23 5.47 -17.36
CA CYS B 41 -18.07 4.69 -17.74
C CYS B 41 -16.86 5.06 -16.82
N GLU B 42 -16.66 6.37 -16.58
CA GLU B 42 -15.61 6.89 -15.68
C GLU B 42 -15.79 6.30 -14.25
N GLU B 43 -17.03 6.34 -13.73
CA GLU B 43 -17.36 5.88 -12.40
C GLU B 43 -17.23 4.38 -12.25
N ARG B 44 -17.54 3.60 -13.29
CA ARG B 44 -17.35 2.15 -13.28
C ARG B 44 -15.87 1.83 -13.08
N ASN B 45 -14.97 2.57 -13.77
CA ASN B 45 -13.54 2.35 -13.62
C ASN B 45 -13.06 2.77 -12.24
N LEU B 46 -13.62 3.83 -11.61
CA LEU B 46 -13.21 4.19 -10.25
C LEU B 46 -13.58 3.03 -9.29
N LEU B 47 -14.77 2.42 -9.47
CA LEU B 47 -15.18 1.29 -8.64
C LEU B 47 -14.23 0.09 -8.83
N SER B 48 -13.91 -0.24 -10.09
CA SER B 48 -13.05 -1.37 -10.37
C SER B 48 -11.62 -1.11 -9.90
N VAL B 49 -11.07 0.08 -10.13
CA VAL B 49 -9.71 0.43 -9.69
C VAL B 49 -9.60 0.33 -8.17
N ALA B 50 -10.61 0.83 -7.45
CA ALA B 50 -10.60 0.83 -6.00
C ALA B 50 -10.51 -0.58 -5.45
N TYR B 51 -11.43 -1.48 -5.85
CA TYR B 51 -11.46 -2.82 -5.32
C TYR B 51 -10.36 -3.72 -5.87
N LYS B 52 -9.96 -3.51 -7.14
CA LYS B 52 -8.87 -4.32 -7.72
C LYS B 52 -7.58 -4.05 -6.95
N ASN B 53 -7.36 -2.82 -6.49
CA ASN B 53 -6.16 -2.50 -5.72
C ASN B 53 -6.25 -3.06 -4.31
N VAL B 54 -7.42 -2.96 -3.68
CA VAL B 54 -7.61 -3.50 -2.32
C VAL B 54 -7.36 -5.01 -2.31
N VAL B 55 -8.09 -5.73 -3.18
CA VAL B 55 -7.99 -7.19 -3.27
C VAL B 55 -6.63 -7.62 -3.83
N GLY B 56 -6.02 -6.82 -4.69
CA GLY B 56 -4.70 -7.12 -5.23
C GLY B 56 -3.65 -7.22 -4.16
N GLY B 57 -3.71 -6.32 -3.18
CA GLY B 57 -2.78 -6.34 -2.05
C GLY B 57 -2.99 -7.55 -1.17
N GLN B 58 -4.24 -7.98 -1.03
CA GLN B 58 -4.57 -9.16 -0.23
C GLN B 58 -4.16 -10.43 -0.96
N ARG B 59 -4.34 -10.49 -2.27
CA ARG B 59 -3.92 -11.62 -3.10
C ARG B 59 -2.42 -11.77 -3.02
N ALA B 60 -1.67 -10.66 -3.16
CA ALA B 60 -0.22 -10.68 -3.10
C ALA B 60 0.26 -11.16 -1.73
N ALA B 61 -0.37 -10.67 -0.64
CA ALA B 61 0.02 -11.06 0.70
C ALA B 61 -0.23 -12.53 0.91
N TRP B 62 -1.38 -13.02 0.42
CA TRP B 62 -1.78 -14.42 0.51
C TRP B 62 -0.76 -15.32 -0.20
N ARG B 63 -0.30 -14.94 -1.38
CA ARG B 63 0.70 -15.73 -2.11
C ARG B 63 2.01 -15.80 -1.34
N VAL B 64 2.43 -14.70 -0.72
CA VAL B 64 3.66 -14.67 0.09
C VAL B 64 3.53 -15.65 1.25
N LEU B 65 2.42 -15.57 2.00
CA LEU B 65 2.19 -16.39 3.17
C LEU B 65 2.03 -17.87 2.81
N SER B 66 1.39 -18.20 1.68
CA SER B 66 1.26 -19.59 1.23
C SER B 66 2.61 -20.14 0.79
N SER B 67 3.43 -19.31 0.12
CA SER B 67 4.77 -19.70 -0.30
C SER B 67 5.67 -20.02 0.92
N ILE B 68 5.52 -19.24 2.01
CA ILE B 68 6.27 -19.48 3.25
C ILE B 68 5.79 -20.80 3.88
N GLU B 69 4.45 -20.96 3.96
CA GLU B 69 3.80 -22.14 4.56
C GLU B 69 4.24 -23.41 3.84
N GLN B 70 4.20 -23.42 2.50
CA GLN B 70 4.62 -24.58 1.73
C GLN B 70 6.07 -24.92 1.97
N LYS B 71 6.95 -23.91 1.96
CA LYS B 71 8.37 -24.13 2.22
C LYS B 71 8.59 -24.68 3.64
N SER B 72 7.83 -24.20 4.62
CA SER B 72 7.94 -24.66 6.02
C SER B 72 7.64 -26.18 6.16
N ASN B 73 6.85 -26.74 5.23
CA ASN B 73 6.50 -28.16 5.24
C ASN B 73 7.53 -28.95 4.41
N GLU B 74 7.78 -28.50 3.15
CA GLU B 74 8.71 -29.13 2.22
C GLU B 74 10.15 -28.72 2.51
N GLU B 79 11.66 -24.20 11.76
CA GLU B 79 10.40 -23.56 11.38
C GLU B 79 9.21 -24.54 11.46
N LYS B 80 8.68 -24.74 12.70
CA LYS B 80 7.60 -25.69 13.02
C LYS B 80 6.47 -25.01 13.88
N GLY B 81 6.01 -23.80 13.49
CA GLY B 81 4.98 -23.12 14.27
C GLY B 81 3.63 -22.91 13.60
N PRO B 82 2.54 -22.84 14.39
CA PRO B 82 1.20 -22.65 13.80
C PRO B 82 0.86 -21.24 13.32
N GLU B 83 1.72 -20.25 13.62
CA GLU B 83 1.49 -18.85 13.30
C GLU B 83 1.37 -18.55 11.81
N VAL B 84 2.11 -19.25 10.95
CA VAL B 84 2.04 -19.01 9.50
C VAL B 84 0.65 -19.38 8.99
N ARG B 85 0.12 -20.55 9.39
CA ARG B 85 -1.22 -20.97 8.97
C ARG B 85 -2.26 -19.99 9.52
N GLU B 86 -2.16 -19.63 10.81
CA GLU B 86 -3.12 -18.70 11.41
C GLU B 86 -3.16 -17.35 10.68
N TYR B 87 -2.00 -16.77 10.38
CA TYR B 87 -1.92 -15.48 9.74
C TYR B 87 -2.36 -15.54 8.29
N ARG B 88 -2.01 -16.62 7.57
CA ARG B 88 -2.48 -16.82 6.19
C ARG B 88 -4.02 -16.93 6.19
N GLU B 89 -4.59 -17.64 7.18
CA GLU B 89 -6.04 -17.78 7.31
C GLU B 89 -6.71 -16.41 7.57
N LYS B 90 -6.07 -15.51 8.34
CA LYS B 90 -6.62 -14.17 8.64
C LYS B 90 -6.68 -13.34 7.36
N VAL B 91 -5.59 -13.34 6.59
CA VAL B 91 -5.52 -12.60 5.33
C VAL B 91 -6.56 -13.15 4.35
N GLU B 92 -6.66 -14.50 4.29
CA GLU B 92 -7.61 -15.20 3.44
C GLU B 92 -9.05 -14.79 3.77
N THR B 93 -9.37 -14.70 5.05
CA THR B 93 -10.72 -14.32 5.48
C THR B 93 -11.05 -12.88 5.13
N GLU B 94 -10.08 -11.98 5.23
CA GLU B 94 -10.29 -10.58 4.85
C GLU B 94 -10.49 -10.43 3.37
N LEU B 95 -9.71 -11.18 2.57
CA LEU B 95 -9.83 -11.18 1.11
C LEU B 95 -11.22 -11.65 0.72
N GLN B 96 -11.70 -12.73 1.35
CA GLN B 96 -13.03 -13.26 1.09
C GLN B 96 -14.11 -12.23 1.42
N GLY B 97 -13.94 -11.47 2.49
CA GLY B 97 -14.88 -10.45 2.88
C GLY B 97 -15.00 -9.33 1.86
N VAL B 98 -13.87 -8.89 1.31
CA VAL B 98 -13.86 -7.86 0.26
C VAL B 98 -14.55 -8.40 -1.00
N CYS B 99 -14.26 -9.65 -1.41
CA CYS B 99 -14.88 -10.25 -2.59
C CYS B 99 -16.39 -10.36 -2.40
N ASP B 100 -16.83 -10.79 -1.21
CA ASP B 100 -18.25 -10.88 -0.89
C ASP B 100 -18.91 -9.49 -0.94
N THR B 101 -18.22 -8.44 -0.50
CA THR B 101 -18.74 -7.07 -0.56
C THR B 101 -18.95 -6.64 -2.02
N VAL B 102 -17.96 -6.90 -2.89
CA VAL B 102 -18.04 -6.53 -4.30
C VAL B 102 -19.17 -7.29 -4.96
N LEU B 103 -19.23 -8.62 -4.76
CA LEU B 103 -20.27 -9.43 -5.35
C LEU B 103 -21.66 -9.02 -4.86
N GLY B 104 -21.76 -8.56 -3.62
CA GLY B 104 -22.99 -8.07 -3.06
C GLY B 104 -23.43 -6.80 -3.73
N LEU B 105 -22.49 -5.89 -4.00
CA LEU B 105 -22.81 -4.65 -4.72
C LEU B 105 -23.29 -4.96 -6.13
N LEU B 106 -22.63 -5.90 -6.79
CA LEU B 106 -22.98 -6.28 -8.14
C LEU B 106 -24.39 -6.84 -8.21
N ASP B 107 -24.75 -7.72 -7.29
CA ASP B 107 -26.05 -8.35 -7.32
C ASP B 107 -27.17 -7.48 -6.78
N SER B 108 -26.92 -6.74 -5.69
CA SER B 108 -27.97 -5.91 -5.09
C SER B 108 -28.25 -4.60 -5.84
N HIS B 109 -27.29 -4.07 -6.64
CA HIS B 109 -27.54 -2.80 -7.32
C HIS B 109 -27.14 -2.77 -8.80
N LEU B 110 -25.88 -3.05 -9.09
CA LEU B 110 -25.32 -2.76 -10.38
C LEU B 110 -25.81 -3.60 -11.56
N ILE B 111 -25.80 -4.93 -11.44
CA ILE B 111 -26.24 -5.79 -12.55
C ILE B 111 -27.77 -5.72 -12.67
N LYS B 112 -28.25 -5.34 -13.87
CA LYS B 112 -29.68 -5.25 -14.20
C LYS B 112 -30.00 -6.18 -15.39
N GLU B 113 -31.27 -6.69 -15.49
CA GLU B 113 -31.73 -7.59 -16.56
C GLU B 113 -31.83 -6.95 -17.96
N ALA B 114 -31.68 -5.61 -18.05
CA ALA B 114 -31.68 -4.81 -19.28
C ALA B 114 -30.63 -3.59 -19.06
N GLY B 115 -30.62 -2.57 -19.94
CA GLY B 115 -29.69 -1.43 -19.82
C GLY B 115 -28.46 -1.59 -20.69
N ASP B 116 -27.59 -0.54 -20.67
CA ASP B 116 -26.34 -0.45 -21.45
C ASP B 116 -25.56 -1.80 -21.47
N ALA B 117 -25.36 -2.35 -22.67
CA ALA B 117 -24.71 -3.64 -22.80
C ALA B 117 -23.29 -3.59 -22.31
N GLU B 118 -22.56 -2.52 -22.62
CA GLU B 118 -21.18 -2.40 -22.19
C GLU B 118 -21.07 -2.40 -20.67
N SER B 119 -21.96 -1.70 -19.96
CA SER B 119 -21.91 -1.67 -18.51
C SER B 119 -22.28 -3.04 -17.96
N ARG B 120 -23.34 -3.69 -18.47
CA ARG B 120 -23.71 -5.03 -18.02
C ARG B 120 -22.54 -6.00 -18.20
N VAL B 121 -21.87 -5.98 -19.37
CA VAL B 121 -20.70 -6.84 -19.64
C VAL B 121 -19.60 -6.53 -18.62
N PHE B 122 -19.39 -5.25 -18.32
CA PHE B 122 -18.37 -4.80 -17.37
C PHE B 122 -18.61 -5.41 -15.99
N TYR B 123 -19.86 -5.35 -15.53
CA TYR B 123 -20.24 -5.85 -14.22
C TYR B 123 -20.23 -7.36 -14.16
N LEU B 124 -20.67 -8.06 -15.22
CA LEU B 124 -20.63 -9.52 -15.23
C LEU B 124 -19.20 -10.04 -15.29
N LYS B 125 -18.31 -9.32 -15.98
CA LYS B 125 -16.87 -9.63 -15.99
C LYS B 125 -16.36 -9.46 -14.55
N MET B 126 -16.74 -8.37 -13.85
CA MET B 126 -16.36 -8.16 -12.45
C MET B 126 -16.84 -9.34 -11.60
N LYS B 127 -18.08 -9.77 -11.78
CA LYS B 127 -18.61 -10.92 -11.04
C LYS B 127 -17.76 -12.19 -11.28
N GLY B 128 -17.41 -12.48 -12.53
CA GLY B 128 -16.54 -13.60 -12.84
C GLY B 128 -15.17 -13.45 -12.19
N ASP B 129 -14.60 -12.24 -12.23
CA ASP B 129 -13.31 -11.94 -11.64
C ASP B 129 -13.30 -12.16 -10.13
N TYR B 130 -14.26 -11.62 -9.37
CA TYR B 130 -14.23 -11.78 -7.90
C TYR B 130 -14.58 -13.20 -7.45
N TYR B 131 -15.36 -13.96 -8.24
CA TYR B 131 -15.54 -15.38 -7.93
C TYR B 131 -14.20 -16.10 -8.25
N ARG B 132 -13.47 -15.68 -9.30
CA ARG B 132 -12.16 -16.25 -9.62
C ARG B 132 -11.16 -15.99 -8.48
N TYR B 133 -11.20 -14.79 -7.88
CA TYR B 133 -10.30 -14.50 -6.75
C TYR B 133 -10.66 -15.36 -5.55
N LEU B 134 -11.96 -15.64 -5.34
CA LEU B 134 -12.37 -16.54 -4.27
C LEU B 134 -11.87 -17.95 -4.59
N ALA B 135 -11.93 -18.38 -5.87
CA ALA B 135 -11.45 -19.71 -6.30
C ALA B 135 -9.95 -19.87 -6.07
N GLU B 136 -9.16 -18.80 -6.20
CA GLU B 136 -7.72 -18.87 -5.98
C GLU B 136 -7.38 -19.39 -4.58
N VAL B 137 -8.21 -19.07 -3.57
CA VAL B 137 -7.99 -19.47 -2.18
C VAL B 137 -8.93 -20.58 -1.68
N ALA B 138 -9.87 -21.03 -2.50
CA ALA B 138 -10.84 -22.06 -2.11
C ALA B 138 -10.27 -23.47 -2.26
N THR B 139 -10.86 -24.44 -1.54
CA THR B 139 -10.50 -25.85 -1.61
C THR B 139 -11.75 -26.73 -1.52
N GLY B 140 -11.66 -27.99 -1.98
CA GLY B 140 -12.75 -28.95 -1.89
C GLY B 140 -14.01 -28.65 -2.70
N ASP B 141 -15.17 -29.12 -2.18
CA ASP B 141 -16.51 -28.94 -2.79
C ASP B 141 -16.94 -27.48 -2.90
N ASP B 142 -16.44 -26.62 -2.00
CA ASP B 142 -16.73 -25.20 -2.06
C ASP B 142 -16.07 -24.61 -3.32
N LYS B 143 -14.82 -24.99 -3.60
CA LYS B 143 -14.10 -24.54 -4.80
C LYS B 143 -14.87 -24.90 -6.07
N LYS B 144 -15.44 -26.11 -6.16
CA LYS B 144 -16.22 -26.53 -7.33
C LYS B 144 -17.41 -25.58 -7.56
N ARG B 145 -18.14 -25.19 -6.49
CA ARG B 145 -19.30 -24.28 -6.56
C ARG B 145 -18.85 -22.90 -7.02
N ILE B 146 -17.73 -22.41 -6.47
CA ILE B 146 -17.20 -21.09 -6.78
C ILE B 146 -16.77 -21.02 -8.23
N ILE B 147 -16.12 -22.09 -8.74
CA ILE B 147 -15.69 -22.17 -10.13
C ILE B 147 -16.90 -22.12 -11.07
N ASP B 148 -17.98 -22.83 -10.72
CA ASP B 148 -19.19 -22.81 -11.54
C ASP B 148 -19.78 -21.39 -11.60
N SER B 149 -19.79 -20.67 -10.48
CA SER B 149 -20.32 -19.30 -10.42
C SER B 149 -19.48 -18.36 -11.28
N ALA B 150 -18.14 -18.51 -11.23
CA ALA B 150 -17.26 -17.68 -12.05
C ALA B 150 -17.53 -17.96 -13.55
N ARG B 151 -17.60 -19.26 -13.96
CA ARG B 151 -17.84 -19.58 -15.36
C ARG B 151 -19.19 -19.03 -15.82
N SER B 152 -20.25 -19.12 -14.98
CA SER B 152 -21.59 -18.63 -15.33
C SER B 152 -21.58 -17.16 -15.62
N ALA B 153 -20.91 -16.36 -14.77
CA ALA B 153 -20.85 -14.92 -14.94
C ALA B 153 -20.05 -14.55 -16.19
N TYR B 154 -18.89 -15.16 -16.40
CA TYR B 154 -18.08 -14.90 -17.59
C TYR B 154 -18.82 -15.32 -18.85
N GLN B 155 -19.51 -16.47 -18.83
CA GLN B 155 -20.22 -16.92 -20.02
C GLN B 155 -21.37 -16.00 -20.36
N GLU B 156 -22.10 -15.47 -19.37
CA GLU B 156 -23.20 -14.54 -19.64
C GLU B 156 -22.64 -13.27 -20.24
N ALA B 157 -21.51 -12.77 -19.72
CA ALA B 157 -20.86 -11.57 -20.24
C ALA B 157 -20.40 -11.82 -21.67
N MET B 158 -19.88 -13.03 -21.96
CA MET B 158 -19.40 -13.39 -23.31
C MET B 158 -20.54 -13.33 -24.30
N ASP B 159 -21.69 -13.92 -23.93
CA ASP B 159 -22.88 -13.97 -24.78
C ASP B 159 -23.36 -12.57 -25.12
N ILE B 160 -23.43 -11.68 -24.11
CA ILE B 160 -23.87 -10.30 -24.34
C ILE B 160 -22.87 -9.53 -25.18
N SER B 161 -21.58 -9.61 -24.86
CA SER B 161 -20.55 -8.90 -25.59
C SER B 161 -20.49 -9.31 -27.07
N ALA B 162 -20.68 -10.60 -27.38
CA ALA B 162 -20.62 -11.07 -28.76
C ALA B 162 -21.74 -10.51 -29.59
N ALA B 163 -22.92 -10.32 -28.99
CA ALA B 163 -24.07 -9.80 -29.72
C ALA B 163 -24.15 -8.28 -29.70
N ALA B 164 -23.53 -7.60 -28.72
CA ALA B 164 -23.70 -6.16 -28.58
C ALA B 164 -22.48 -5.27 -28.77
N MET B 165 -21.26 -5.80 -28.74
CA MET B 165 -20.06 -4.95 -28.84
C MET B 165 -19.15 -5.40 -29.96
N PRO B 166 -18.36 -4.47 -30.55
CA PRO B 166 -17.41 -4.89 -31.60
C PRO B 166 -16.26 -5.72 -31.02
N PRO B 167 -15.62 -6.55 -31.87
CA PRO B 167 -14.52 -7.40 -31.37
C PRO B 167 -13.30 -6.66 -30.80
N THR B 168 -13.17 -5.35 -31.12
CA THR B 168 -12.12 -4.45 -30.66
C THR B 168 -12.52 -3.67 -29.41
N ASN B 169 -13.74 -3.83 -28.87
CA ASN B 169 -14.13 -3.10 -27.66
C ASN B 169 -13.20 -3.48 -26.49
N PRO B 170 -12.50 -2.52 -25.85
CA PRO B 170 -11.60 -2.88 -24.74
C PRO B 170 -12.19 -3.73 -23.63
N ILE B 171 -13.45 -3.50 -23.27
CA ILE B 171 -14.12 -4.27 -22.23
C ILE B 171 -14.39 -5.70 -22.71
N ARG B 172 -14.80 -5.87 -23.99
CA ARG B 172 -14.98 -7.19 -24.56
C ARG B 172 -13.63 -7.93 -24.57
N LEU B 173 -12.56 -7.23 -24.97
CA LEU B 173 -11.23 -7.81 -25.02
C LEU B 173 -10.77 -8.23 -23.64
N GLY B 174 -10.98 -7.37 -22.65
CA GLY B 174 -10.56 -7.65 -21.28
C GLY B 174 -11.27 -8.83 -20.69
N LEU B 175 -12.57 -8.94 -20.99
CA LEU B 175 -13.39 -10.08 -20.54
C LEU B 175 -12.82 -11.37 -21.10
N ALA B 176 -12.59 -11.41 -22.42
CA ALA B 176 -12.06 -12.61 -23.06
C ALA B 176 -10.67 -12.95 -22.50
N LEU B 177 -9.81 -11.95 -22.27
CA LEU B 177 -8.49 -12.17 -21.67
C LEU B 177 -8.63 -12.84 -20.28
N ASN B 178 -9.49 -12.31 -19.41
CA ASN B 178 -9.69 -12.88 -18.06
C ASN B 178 -10.37 -14.23 -18.08
N PHE B 179 -11.33 -14.46 -19.00
CA PHE B 179 -11.99 -15.75 -19.09
C PHE B 179 -10.98 -16.79 -19.59
N SER B 180 -10.07 -16.43 -20.52
CA SER B 180 -9.02 -17.37 -20.96
C SER B 180 -8.09 -17.69 -19.77
N VAL B 181 -7.72 -16.70 -18.91
CA VAL B 181 -6.90 -16.96 -17.72
C VAL B 181 -7.67 -17.89 -16.79
N PHE B 182 -8.99 -17.69 -16.61
CA PHE B 182 -9.86 -18.55 -15.81
C PHE B 182 -9.75 -19.99 -16.32
N HIS B 183 -9.86 -20.19 -17.63
CA HIS B 183 -9.75 -21.52 -18.20
C HIS B 183 -8.39 -22.14 -17.92
N TYR B 184 -7.32 -21.40 -18.14
CA TYR B 184 -5.96 -21.92 -17.97
C TYR B 184 -5.59 -22.21 -16.52
N GLU B 185 -5.82 -21.25 -15.63
CA GLU B 185 -5.39 -21.33 -14.24
C GLU B 185 -6.37 -21.92 -13.23
N ILE B 186 -7.67 -21.75 -13.44
CA ILE B 186 -8.67 -22.15 -12.46
C ILE B 186 -9.41 -23.43 -12.85
N ALA B 187 -9.94 -23.48 -14.10
CA ALA B 187 -10.75 -24.60 -14.58
C ALA B 187 -9.96 -25.77 -15.16
N ASN B 188 -8.63 -25.66 -15.28
CA ASN B 188 -7.79 -26.70 -15.84
C ASN B 188 -8.22 -27.05 -17.27
N SER B 189 -8.39 -26.03 -18.10
CA SER B 189 -8.79 -26.13 -19.51
C SER B 189 -7.81 -25.30 -20.36
N PRO B 190 -6.53 -25.68 -20.40
CA PRO B 190 -5.54 -24.90 -21.16
C PRO B 190 -5.84 -24.79 -22.65
N GLU B 191 -6.32 -25.85 -23.26
CA GLU B 191 -6.71 -25.86 -24.66
C GLU B 191 -7.78 -24.82 -24.97
N GLU B 192 -8.82 -24.75 -24.12
CA GLU B 192 -9.87 -23.77 -24.28
C GLU B 192 -9.29 -22.36 -24.04
N ALA B 193 -8.38 -22.19 -23.07
CA ALA B 193 -7.73 -20.91 -22.81
C ALA B 193 -6.95 -20.42 -24.03
N ILE B 194 -6.14 -21.28 -24.66
CA ILE B 194 -5.34 -20.89 -25.83
C ILE B 194 -6.27 -20.56 -27.00
N SER B 195 -7.28 -21.41 -27.24
CA SER B 195 -8.25 -21.22 -28.32
C SER B 195 -8.95 -19.88 -28.18
N LEU B 196 -9.41 -19.55 -26.97
CA LEU B 196 -10.10 -18.30 -26.73
C LEU B 196 -9.18 -17.10 -26.94
N ALA B 197 -7.97 -17.14 -26.39
CA ALA B 197 -7.05 -16.00 -26.53
C ALA B 197 -6.67 -15.76 -27.99
N LYS B 198 -6.38 -16.86 -28.75
CA LYS B 198 -6.01 -16.76 -30.16
C LYS B 198 -7.17 -16.14 -30.95
N THR B 199 -8.36 -16.70 -30.77
CA THR B 199 -9.59 -16.26 -31.44
C THR B 199 -9.85 -14.76 -31.19
N THR B 200 -9.79 -14.35 -29.92
CA THR B 200 -10.05 -12.97 -29.54
C THR B 200 -9.07 -12.02 -30.20
N PHE B 201 -7.76 -12.37 -30.18
CA PHE B 201 -6.73 -11.53 -30.76
C PHE B 201 -6.90 -11.38 -32.27
N ASP B 202 -7.13 -12.49 -32.97
CA ASP B 202 -7.29 -12.49 -34.42
C ASP B 202 -8.55 -11.71 -34.85
N GLU B 203 -9.69 -11.90 -34.16
CA GLU B 203 -10.93 -11.16 -34.50
C GLU B 203 -10.76 -9.66 -34.31
N ALA B 204 -10.02 -9.26 -33.26
CA ALA B 204 -9.75 -7.85 -33.00
C ALA B 204 -8.76 -7.30 -34.03
N MET B 205 -7.67 -8.05 -34.34
CA MET B 205 -6.67 -7.62 -35.33
C MET B 205 -7.32 -7.34 -36.67
N ALA B 206 -8.26 -8.20 -37.09
CA ALA B 206 -8.94 -8.04 -38.37
C ALA B 206 -9.73 -6.73 -38.46
N ASP B 207 -10.20 -6.19 -37.34
CA ASP B 207 -11.02 -5.01 -37.26
C ASP B 207 -10.24 -3.73 -36.85
N LEU B 208 -8.96 -3.83 -36.49
CA LEU B 208 -8.16 -2.67 -36.07
C LEU B 208 -8.06 -1.59 -37.12
N HIS B 209 -8.00 -1.95 -38.41
CA HIS B 209 -7.87 -0.98 -39.49
C HIS B 209 -8.98 0.10 -39.49
N THR B 210 -10.15 -0.21 -38.92
CA THR B 210 -11.30 0.71 -38.89
C THR B 210 -11.24 1.74 -37.76
N LEU B 211 -10.34 1.57 -36.78
CA LEU B 211 -10.32 2.39 -35.59
C LEU B 211 -9.59 3.70 -35.68
N SER B 212 -10.10 4.68 -34.91
CA SER B 212 -9.49 5.99 -34.75
C SER B 212 -8.16 5.79 -34.03
N GLU B 213 -7.29 6.81 -34.03
CA GLU B 213 -6.01 6.71 -33.34
C GLU B 213 -6.18 6.34 -31.85
N ASP B 214 -7.12 6.99 -31.17
CA ASP B 214 -7.34 6.78 -29.76
C ASP B 214 -7.95 5.41 -29.44
N SER B 215 -8.91 4.96 -30.25
CA SER B 215 -9.52 3.63 -30.05
C SER B 215 -8.49 2.53 -30.31
N TYR B 216 -7.65 2.69 -31.34
CA TYR B 216 -6.61 1.70 -31.66
C TYR B 216 -5.64 1.58 -30.49
N LYS B 217 -5.27 2.69 -29.82
CA LYS B 217 -4.37 2.63 -28.68
C LYS B 217 -4.99 1.80 -27.54
N ASP B 218 -6.26 2.04 -27.26
CA ASP B 218 -6.97 1.33 -26.19
C ASP B 218 -7.10 -0.16 -26.46
N SER B 219 -7.49 -0.53 -27.68
CA SER B 219 -7.70 -1.93 -28.06
C SER B 219 -6.39 -2.69 -28.10
N THR B 220 -5.37 -2.11 -28.77
CA THR B 220 -4.07 -2.78 -28.88
C THR B 220 -3.38 -2.93 -27.52
N LEU B 221 -3.73 -2.11 -26.53
CA LEU B 221 -3.19 -2.25 -25.18
C LEU B 221 -3.61 -3.60 -24.58
N ILE B 222 -4.86 -3.99 -24.77
CA ILE B 222 -5.36 -5.26 -24.26
C ILE B 222 -4.95 -6.43 -25.17
N MET B 223 -4.85 -6.19 -26.47
CA MET B 223 -4.38 -7.22 -27.40
C MET B 223 -2.93 -7.62 -27.07
N GLN B 224 -2.13 -6.70 -26.53
CA GLN B 224 -0.77 -7.02 -26.11
C GLN B 224 -0.80 -8.00 -24.91
N LEU B 225 -1.80 -7.90 -24.03
CA LEU B 225 -1.92 -8.83 -22.90
C LEU B 225 -2.28 -10.22 -23.44
N LEU B 226 -3.17 -10.31 -24.44
CA LEU B 226 -3.50 -11.60 -25.07
C LEU B 226 -2.23 -12.21 -25.73
N ARG B 227 -1.46 -11.38 -26.47
CA ARG B 227 -0.21 -11.76 -27.13
C ARG B 227 0.79 -12.30 -26.12
N ASP B 228 0.90 -11.61 -24.99
CA ASP B 228 1.81 -11.98 -23.91
C ASP B 228 1.46 -13.38 -23.34
N ASN B 229 0.18 -13.62 -22.98
CA ASN B 229 -0.25 -14.91 -22.44
C ASN B 229 -0.13 -16.01 -23.45
N LEU B 230 -0.40 -15.73 -24.74
CA LEU B 230 -0.26 -16.79 -25.75
C LEU B 230 1.21 -17.24 -25.84
N THR B 231 2.14 -16.28 -25.77
CA THR B 231 3.57 -16.57 -25.80
C THR B 231 3.95 -17.45 -24.60
N LEU B 232 3.42 -17.11 -23.43
CA LEU B 232 3.69 -17.83 -22.19
C LEU B 232 3.12 -19.27 -22.23
N TRP B 233 1.90 -19.44 -22.77
CA TRP B 233 1.20 -20.71 -22.78
C TRP B 233 1.55 -21.68 -23.87
N THR B 234 2.12 -21.19 -24.97
CA THR B 234 2.47 -22.02 -26.13
C THR B 234 4.00 -22.05 -26.38
N ARG C 3 11.47 11.94 1.75
CA ARG C 3 12.40 12.89 2.38
C ARG C 3 13.85 12.30 2.33
N GLY C 4 14.83 13.13 2.73
CA GLY C 4 16.20 12.72 2.86
C GLY C 4 16.50 12.41 4.32
N TPO C 5 15.59 11.67 5.02
CA TPO C 5 15.74 11.27 6.45
CB TPO C 5 14.44 11.56 7.22
CG2 TPO C 5 14.18 13.04 7.48
OG1 TPO C 5 13.30 10.91 6.63
P TPO C 5 11.97 10.95 7.34
O1P TPO C 5 11.36 9.68 6.80
O2P TPO C 5 11.97 10.90 8.81
O3P TPO C 5 11.20 12.22 7.00
C TPO C 5 16.03 9.74 6.54
O TPO C 5 15.80 8.98 5.60
HA TPO C 5 16.60 11.79 6.86
HB TPO C 5 14.59 11.11 8.20
HG21 TPO C 5 13.89 13.56 6.57
HG22 TPO C 5 15.11 13.50 7.82
HG23 TPO C 5 13.43 13.28 8.23
N SER C 6 16.54 9.29 7.71
CA SER C 6 17.06 7.93 7.95
C SER C 6 16.08 6.82 7.63
N PRO C 7 16.59 5.62 7.22
CA PRO C 7 15.67 4.50 7.03
C PRO C 7 15.05 4.07 8.35
N ALA C 8 13.94 3.35 8.26
CA ALA C 8 13.24 2.87 9.45
C ALA C 8 14.10 1.83 10.21
N ARG C 9 14.79 0.99 9.47
CA ARG C 9 15.68 -0.02 9.97
C ARG C 9 17.11 0.50 9.86
N MET C 10 17.89 0.33 10.95
CA MET C 10 19.28 0.78 10.99
C MET C 10 20.07 0.07 12.13
C SER D 1 5.77 -15.80 -14.74
N SER D 2 4.90 -14.77 -14.65
CA SER D 2 3.47 -15.04 -14.59
C SER D 2 2.61 -14.08 -15.42
N ARG D 3 1.59 -14.69 -16.03
CA ARG D 3 0.57 -14.08 -16.90
C ARG D 3 -0.03 -12.76 -16.34
N GLY D 4 -0.89 -12.13 -17.13
CA GLY D 4 -1.59 -10.93 -16.72
C GLY D 4 -3.06 -11.06 -17.03
N TPO D 5 -3.88 -10.33 -16.28
CA TPO D 5 -5.30 -10.21 -16.49
CB TPO D 5 -6.10 -10.70 -15.28
CG2 TPO D 5 -6.48 -12.15 -15.36
OG1 TPO D 5 -5.43 -10.39 -14.05
P TPO D 5 -6.17 -10.59 -12.72
O1P TPO D 5 -5.73 -11.85 -11.99
O2P TPO D 5 -7.65 -10.47 -12.72
O3P TPO D 5 -5.79 -9.37 -11.95
C TPO D 5 -5.49 -8.71 -16.77
O TPO D 5 -4.56 -7.92 -16.57
HA TPO D 5 -5.57 -10.74 -17.41
HB TPO D 5 -7.02 -10.15 -15.31
HG21 TPO D 5 -7.42 -12.33 -14.84
HG22 TPO D 5 -5.72 -12.74 -14.86
HG23 TPO D 5 -6.61 -12.56 -16.36
N SER D 6 -6.66 -8.35 -17.27
CA SER D 6 -6.98 -7.00 -17.69
C SER D 6 -6.79 -5.95 -16.62
N PRO D 7 -6.43 -4.70 -16.99
CA PRO D 7 -6.35 -3.65 -15.98
C PRO D 7 -7.73 -3.36 -15.39
N ALA D 8 -7.74 -2.74 -14.22
CA ALA D 8 -8.99 -2.40 -13.55
C ALA D 8 -9.79 -1.36 -14.36
N ARG D 9 -9.08 -0.41 -14.96
CA ARG D 9 -9.63 0.62 -15.80
C ARG D 9 -9.44 0.19 -17.26
N MET D 10 -10.54 0.11 -18.02
CA MET D 10 -10.59 -0.22 -19.45
C MET D 10 -11.48 0.84 -20.12
CL CL E . 17.14 -6.09 11.95
CL CL F . -27.35 13.38 -4.04
CL CL G . -11.72 6.51 -16.93
#